data_5V83
#
_entry.id   5V83
#
_cell.length_a   34.966
_cell.length_b   97.280
_cell.length_c   58.148
_cell.angle_alpha   90.000
_cell.angle_beta   104.390
_cell.angle_gamma   90.000
#
_symmetry.space_group_name_H-M   'P 1 21 1'
#
loop_
_entity.id
_entity.type
_entity.pdbx_description
1 polymer 'Lysozyme,DCN1-like protein 1 chimera'
2 non-polymer "N-(1-benzylpiperidin-4-yl)-N'-[3-(trifluoromethyl)phenyl]urea"
3 water water
#
_entity_poly.entity_id   1
_entity_poly.type   'polypeptide(L)'
_entity_poly.pdbx_seq_one_letter_code
;MGSSHHHHHHSQDLENLYFQGSMNIFEMLRIDEGLRLKIYKDTEGYYTIGIGHLLTKSPSLNAAKSELDKAIGRNTNGVI
TKDEAEKLFNQDVDAAVRGILRNAKLKPVYDSLDAVRRAALINMVFQMGETGVAGFTNSLRMLQQKRWDEAAVNLAKSRW
YNQTPNRTKRVITTFRTGTWDAYKNLRKKLEQLYNRYKDPQDENKIGIDGIQQFCDDLALDPASISVLIIAWKFRAATQC
EFSKQEFMDGMTELGCDSIEKLKAQIPKMEQELKEPGRFKDFYQFTFNFAKNPGQKGLDLEMAIAYWNLVLNGRFKFLDL
WNKFLLEHHKRSIPKDTWNLLLDFSTMIADDMSNYDEEGAWPVLIDDFVEFARPQIAGTKSTTV
;
_entity_poly.pdbx_strand_id   A
#
loop_
_chem_comp.id
_chem_comp.type
_chem_comp.name
_chem_comp.formula
8Z7 non-polymer N-(1-benzylpiperidin-4-yl)-N'-[3-(trifluoromethyl)phenyl]urea 'C20 H22 F3 N3 O'
#
# COMPACT_ATOMS: atom_id res chain seq x y z
N SER A 11 12.19 26.75 -6.49
CA SER A 11 13.36 26.38 -5.70
C SER A 11 13.39 24.89 -5.45
N GLN A 12 12.39 24.41 -4.72
CA GLN A 12 12.11 22.97 -4.65
C GLN A 12 11.34 22.52 -5.88
N ASP A 13 11.02 23.48 -6.76
CA ASP A 13 10.30 23.20 -7.99
C ASP A 13 10.97 22.05 -8.74
N LEU A 14 10.18 21.05 -9.05
CA LEU A 14 10.70 19.93 -9.83
C LEU A 14 11.15 20.39 -11.20
N GLU A 15 10.66 21.55 -11.69
CA GLU A 15 11.15 22.10 -12.97
C GLU A 15 12.65 22.36 -12.95
N ASN A 16 13.19 22.53 -11.74
CA ASN A 16 14.62 22.64 -11.52
C ASN A 16 15.36 21.37 -11.89
N LEU A 17 14.64 20.26 -11.99
CA LEU A 17 15.28 18.98 -12.24
C LEU A 17 15.02 18.50 -13.65
N TYR A 18 14.39 19.34 -14.46
CA TYR A 18 13.99 18.90 -15.80
C TYR A 18 15.18 18.57 -16.72
N PHE A 19 16.38 19.00 -16.34
CA PHE A 19 17.60 18.73 -17.11
C PHE A 19 18.07 17.31 -16.85
N GLN A 20 17.62 16.74 -15.75
CA GLN A 20 17.99 15.37 -15.39
C GLN A 20 17.24 14.39 -16.26
N GLY A 21 17.47 13.11 -16.04
CA GLY A 21 16.64 12.08 -16.64
C GLY A 21 15.28 11.99 -15.98
N SER A 22 14.29 11.45 -16.70
CA SER A 22 12.97 11.23 -16.14
C SER A 22 13.02 10.14 -15.09
N MET A 23 13.89 9.15 -15.33
CA MET A 23 14.16 8.15 -14.30
C MET A 23 15.17 8.72 -13.32
N ASN A 24 14.89 8.54 -12.04
CA ASN A 24 15.69 9.12 -11.02
C ASN A 24 15.50 8.31 -9.78
N ILE A 25 16.19 8.70 -8.73
CA ILE A 25 16.17 8.00 -7.47
C ILE A 25 14.77 7.99 -6.86
N PHE A 26 14.01 9.05 -7.08
CA PHE A 26 12.63 9.08 -6.64
C PHE A 26 11.82 7.95 -7.23
N GLU A 27 11.83 7.88 -8.56
CA GLU A 27 11.08 6.88 -9.24
C GLU A 27 11.63 5.50 -8.84
N MET A 28 12.94 5.43 -8.65
CA MET A 28 13.54 4.18 -8.23
C MET A 28 12.92 3.73 -6.90
N LEU A 29 12.89 4.62 -5.92
CA LEU A 29 12.40 4.23 -4.60
C LEU A 29 10.88 4.14 -4.58
N ARG A 30 10.21 4.84 -5.49
CA ARG A 30 8.77 4.70 -5.62
C ARG A 30 8.44 3.25 -5.89
N ILE A 31 9.25 2.61 -6.73
CA ILE A 31 9.15 1.20 -7.01
C ILE A 31 9.68 0.29 -5.89
N ASP A 32 10.83 0.63 -5.32
CA ASP A 32 11.47 -0.28 -4.40
C ASP A 32 10.90 -0.18 -3.00
N GLU A 33 10.38 0.99 -2.63
CA GLU A 33 9.84 1.19 -1.27
C GLU A 33 8.39 1.56 -1.29
N GLY A 34 7.95 2.13 -2.40
CA GLY A 34 6.54 2.41 -2.56
C GLY A 34 6.26 3.85 -2.19
N LEU A 35 5.14 4.35 -2.68
CA LEU A 35 4.78 5.74 -2.51
C LEU A 35 3.35 5.87 -1.96
N ARG A 36 3.19 6.56 -0.84
CA ARG A 36 1.86 6.79 -0.29
C ARG A 36 1.57 8.26 -0.41
N LEU A 37 0.40 8.62 -0.93
CA LEU A 37 0.08 10.03 -1.13
C LEU A 37 -0.81 10.60 -0.02
N LYS A 38 -1.10 9.75 0.96
CA LYS A 38 -1.91 10.15 2.10
C LYS A 38 -1.21 9.71 3.39
N ILE A 39 -1.29 10.56 4.41
CA ILE A 39 -0.68 10.23 5.68
C ILE A 39 -1.08 8.84 6.17
N TYR A 40 -0.11 8.03 6.55
CA TYR A 40 -0.40 6.71 7.07
C TYR A 40 0.54 6.52 8.25
N LYS A 41 0.29 5.49 9.04
CA LYS A 41 1.18 5.18 10.15
C LYS A 41 2.21 4.13 9.72
N ASP A 42 3.47 4.34 10.08
CA ASP A 42 4.47 3.34 9.71
C ASP A 42 4.44 2.19 10.72
N THR A 43 5.34 1.24 10.54
CA THR A 43 5.37 0.04 11.38
C THR A 43 5.57 0.41 12.86
N GLU A 44 6.16 1.58 13.11
CA GLU A 44 6.30 2.07 14.47
C GLU A 44 5.13 2.96 14.93
N GLY A 45 4.12 3.09 14.08
CA GLY A 45 2.92 3.84 14.44
C GLY A 45 2.98 5.35 14.24
N TYR A 46 4.03 5.84 13.57
CA TYR A 46 4.16 7.29 13.34
C TYR A 46 3.68 7.74 11.95
N TYR A 47 3.11 8.95 11.94
CA TYR A 47 2.54 9.49 10.74
C TYR A 47 3.62 9.78 9.71
N THR A 48 3.39 9.24 8.54
CA THR A 48 4.38 9.17 7.51
C THR A 48 3.69 9.47 6.21
N ILE A 49 4.41 9.94 5.20
CA ILE A 49 3.78 10.15 3.92
C ILE A 49 4.85 10.06 2.83
N GLY A 50 4.41 10.02 1.57
CA GLY A 50 5.29 9.97 0.44
C GLY A 50 6.09 8.68 0.48
N ILE A 51 7.40 8.79 0.30
CA ILE A 51 8.24 7.61 0.36
C ILE A 51 8.92 7.65 1.71
N GLY A 52 8.21 7.11 2.70
CA GLY A 52 8.79 6.89 4.02
C GLY A 52 9.19 8.19 4.68
N HIS A 53 8.52 9.28 4.31
CA HIS A 53 8.78 10.56 4.97
C HIS A 53 8.04 10.72 6.30
N LEU A 54 8.79 10.61 7.40
CA LEU A 54 8.25 10.76 8.75
C LEU A 54 7.72 12.14 8.92
N LEU A 55 6.50 12.28 9.41
CA LEU A 55 6.00 13.66 9.57
C LEU A 55 6.20 14.17 11.00
N THR A 56 5.97 13.28 11.94
CA THR A 56 6.03 13.59 13.36
C THR A 56 5.90 12.28 14.12
N LYS A 57 6.32 12.31 15.39
CA LYS A 57 6.18 11.20 16.31
C LYS A 57 4.94 11.43 17.14
N SER A 58 4.36 12.61 16.98
CA SER A 58 3.18 13.00 17.72
C SER A 58 2.06 12.01 17.45
N PRO A 59 1.26 11.66 18.46
CA PRO A 59 0.15 10.76 18.17
C PRO A 59 -1.04 11.48 17.54
N SER A 60 -0.94 12.80 17.41
CA SER A 60 -2.03 13.60 16.85
C SER A 60 -1.92 13.70 15.34
N LEU A 61 -2.98 13.31 14.65
CA LEU A 61 -3.06 13.40 13.20
C LEU A 61 -3.06 14.85 12.76
N ASN A 62 -3.69 15.70 13.55
CA ASN A 62 -3.68 17.11 13.21
C ASN A 62 -2.28 17.68 13.27
N ALA A 63 -1.47 17.21 14.21
CA ALA A 63 -0.06 17.58 14.30
C ALA A 63 0.68 17.15 13.04
N ALA A 64 0.40 15.93 12.61
CA ALA A 64 0.98 15.36 11.40
C ALA A 64 0.65 16.22 10.20
N LYS A 65 -0.61 16.65 10.14
CA LYS A 65 -1.09 17.43 9.02
C LYS A 65 -0.48 18.82 9.01
N SER A 66 -0.30 19.39 10.20
CA SER A 66 0.33 20.72 10.28
C SER A 66 1.78 20.67 9.84
N GLU A 67 2.48 19.61 10.25
CA GLU A 67 3.85 19.43 9.81
C GLU A 67 3.88 19.32 8.29
N LEU A 68 2.94 18.56 7.73
CA LEU A 68 2.91 18.34 6.30
C LEU A 68 2.64 19.65 5.58
N ASP A 69 1.70 20.44 6.08
CA ASP A 69 1.40 21.74 5.49
C ASP A 69 2.59 22.67 5.52
N LYS A 70 3.32 22.67 6.63
CA LYS A 70 4.54 23.47 6.72
C LYS A 70 5.46 23.08 5.59
N ALA A 71 5.60 21.77 5.39
CA ALA A 71 6.54 21.25 4.43
C ALA A 71 6.07 21.53 3.02
N ILE A 72 4.77 21.38 2.78
CA ILE A 72 4.29 21.44 1.41
C ILE A 72 3.93 22.88 1.04
N GLY A 73 3.50 23.67 2.02
CA GLY A 73 3.20 25.07 1.77
C GLY A 73 1.76 25.29 1.38
N ARG A 74 0.91 24.34 1.74
CA ARG A 74 -0.51 24.48 1.48
C ARG A 74 -1.27 23.63 2.49
N ASN A 75 -2.55 23.91 2.61
CA ASN A 75 -3.43 23.10 3.44
C ASN A 75 -3.67 21.75 2.76
N THR A 76 -2.98 20.70 3.22
CA THR A 76 -2.98 19.46 2.48
C THR A 76 -4.13 18.56 2.88
N ASN A 77 -4.65 18.74 4.09
CA ASN A 77 -5.66 17.81 4.59
C ASN A 77 -5.06 16.38 4.66
N GLY A 78 -3.73 16.31 4.61
CA GLY A 78 -3.02 15.05 4.74
C GLY A 78 -2.93 14.26 3.45
N VAL A 79 -3.17 14.94 2.33
CA VAL A 79 -3.06 14.30 1.02
C VAL A 79 -2.22 15.20 0.12
N ILE A 80 -1.27 14.58 -0.55
CA ILE A 80 -0.33 15.33 -1.36
C ILE A 80 -0.29 14.72 -2.75
N THR A 81 0.26 15.46 -3.68
CA THR A 81 0.42 14.95 -5.03
C THR A 81 1.72 14.19 -5.13
N LYS A 82 1.87 13.41 -6.20
CA LYS A 82 3.12 12.71 -6.44
C LYS A 82 4.29 13.68 -6.52
N ASP A 83 4.14 14.74 -7.30
CA ASP A 83 5.17 15.79 -7.34
C ASP A 83 5.52 16.29 -5.93
N GLU A 84 4.53 16.50 -5.07
CA GLU A 84 4.82 16.98 -3.73
C GLU A 84 5.58 15.91 -2.95
N ALA A 85 5.22 14.65 -3.16
CA ALA A 85 5.93 13.55 -2.53
C ALA A 85 7.38 13.57 -3.00
N GLU A 86 7.60 13.88 -4.28
CA GLU A 86 8.96 13.91 -4.81
C GLU A 86 9.74 15.03 -4.20
N LYS A 87 9.07 16.15 -3.97
CA LYS A 87 9.77 17.25 -3.33
C LYS A 87 10.16 16.91 -1.88
N LEU A 88 9.27 16.27 -1.14
CA LEU A 88 9.65 15.79 0.21
C LEU A 88 10.79 14.83 0.12
N PHE A 89 10.68 13.91 -0.84
CA PHE A 89 11.65 12.86 -0.99
C PHE A 89 12.97 13.47 -1.37
N ASN A 90 12.94 14.46 -2.26
CA ASN A 90 14.19 15.12 -2.65
C ASN A 90 14.95 15.74 -1.49
N GLN A 91 14.25 16.32 -0.52
CA GLN A 91 14.94 16.79 0.68
C GLN A 91 15.58 15.63 1.45
N ASP A 92 14.83 14.54 1.56
CA ASP A 92 15.34 13.35 2.22
C ASP A 92 16.60 12.84 1.56
N VAL A 93 16.57 12.73 0.24
CA VAL A 93 17.74 12.31 -0.52
C VAL A 93 18.92 13.23 -0.30
N ASP A 94 18.68 14.54 -0.33
CA ASP A 94 19.78 15.43 -0.15
C ASP A 94 20.38 15.17 1.23
N ALA A 95 19.54 14.96 2.24
CA ALA A 95 20.07 14.71 3.56
C ALA A 95 20.89 13.40 3.54
N ALA A 96 20.36 12.39 2.85
CA ALA A 96 21.02 11.08 2.84
C ALA A 96 22.32 11.21 2.15
N VAL A 97 22.34 11.96 1.04
CA VAL A 97 23.57 12.14 0.28
C VAL A 97 24.61 12.89 1.12
N ARG A 98 24.18 13.93 1.86
CA ARG A 98 25.11 14.60 2.74
C ARG A 98 25.71 13.63 3.76
N GLY A 99 24.92 12.67 4.20
CA GLY A 99 25.42 11.70 5.16
C GLY A 99 26.42 10.77 4.48
N ILE A 100 26.11 10.35 3.28
CA ILE A 100 27.08 9.56 2.52
C ILE A 100 28.41 10.32 2.44
N LEU A 101 28.32 11.61 2.15
CA LEU A 101 29.53 12.40 1.94
C LEU A 101 30.31 12.60 3.21
N ARG A 102 29.62 12.49 4.35
CA ARG A 102 30.28 12.53 5.67
C ARG A 102 30.88 11.19 6.08
N ASN A 103 30.55 10.13 5.36
CA ASN A 103 30.94 8.79 5.75
C ASN A 103 32.23 8.36 5.03
N ALA A 104 33.29 8.20 5.81
CA ALA A 104 34.61 7.90 5.31
C ALA A 104 34.60 6.68 4.42
N LYS A 105 33.70 5.77 4.74
CA LYS A 105 33.64 4.50 4.06
C LYS A 105 32.83 4.60 2.77
N LEU A 106 31.86 5.51 2.73
CA LEU A 106 30.96 5.55 1.58
C LEU A 106 31.31 6.64 0.57
N LYS A 107 31.81 7.78 1.06
CA LYS A 107 32.12 8.91 0.18
C LYS A 107 32.96 8.52 -1.06
N PRO A 108 34.10 7.85 -0.86
CA PRO A 108 34.90 7.50 -2.05
C PRO A 108 34.12 6.73 -3.10
N VAL A 109 33.36 5.73 -2.66
CA VAL A 109 32.57 4.97 -3.61
C VAL A 109 31.57 5.88 -4.28
N TYR A 110 30.77 6.57 -3.48
CA TYR A 110 29.80 7.52 -4.01
C TYR A 110 30.41 8.48 -5.04
N ASP A 111 31.54 9.10 -4.71
CA ASP A 111 32.16 10.07 -5.61
C ASP A 111 32.54 9.40 -6.92
N SER A 112 33.10 8.19 -6.80
CA SER A 112 33.58 7.49 -7.99
C SER A 112 32.43 7.16 -8.94
N LEU A 113 31.22 7.06 -8.42
CA LEU A 113 30.11 6.56 -9.21
C LEU A 113 29.42 7.59 -10.07
N ASP A 114 28.92 7.09 -11.19
CA ASP A 114 28.08 7.85 -12.09
C ASP A 114 26.73 7.97 -11.43
N ALA A 115 25.85 8.80 -11.99
CA ALA A 115 24.62 9.22 -11.34
C ALA A 115 23.66 8.06 -11.14
N VAL A 116 23.63 7.14 -12.10
CA VAL A 116 22.69 6.05 -12.03
C VAL A 116 23.15 5.12 -10.91
N ARG A 117 24.45 4.83 -10.85
CA ARG A 117 24.93 3.95 -9.80
C ARG A 117 24.88 4.60 -8.42
N ARG A 118 25.03 5.93 -8.37
CA ARG A 118 24.84 6.62 -7.10
C ARG A 118 23.45 6.38 -6.57
N ALA A 119 22.48 6.41 -7.49
CA ALA A 119 21.09 6.22 -7.11
C ALA A 119 20.97 4.85 -6.49
N ALA A 120 21.65 3.85 -7.08
CA ALA A 120 21.64 2.50 -6.50
C ALA A 120 22.20 2.49 -5.09
N LEU A 121 23.28 3.25 -4.89
CA LEU A 121 23.94 3.32 -3.59
C LEU A 121 23.04 4.03 -2.61
N ILE A 122 22.36 5.07 -3.10
CA ILE A 122 21.47 5.83 -2.24
C ILE A 122 20.32 4.93 -1.85
N ASN A 123 19.89 4.13 -2.82
CA ASN A 123 18.85 3.14 -2.60
C ASN A 123 19.23 2.20 -1.42
N MET A 124 20.46 1.71 -1.43
CA MET A 124 20.95 0.83 -0.38
C MET A 124 20.97 1.52 0.97
N VAL A 125 21.41 2.77 0.98
CA VAL A 125 21.39 3.56 2.21
C VAL A 125 19.98 3.74 2.71
N PHE A 126 19.03 4.01 1.84
CA PHE A 126 17.66 4.13 2.35
C PHE A 126 17.18 2.83 2.96
N GLN A 127 17.46 1.71 2.32
CA GLN A 127 17.00 0.44 2.86
C GLN A 127 17.70 0.05 4.16
N MET A 128 19.00 0.16 4.19
CA MET A 128 19.71 -0.45 5.31
C MET A 128 20.59 0.51 6.09
N GLY A 129 20.61 1.79 5.72
CA GLY A 129 21.34 2.76 6.48
C GLY A 129 22.81 2.75 6.11
N GLU A 130 23.54 3.78 6.50
CA GLU A 130 24.95 3.88 6.17
C GLU A 130 25.74 2.75 6.79
N THR A 131 25.43 2.39 8.02
CA THR A 131 26.21 1.36 8.65
C THR A 131 26.03 0.06 7.90
N GLY A 132 24.78 -0.29 7.59
CA GLY A 132 24.50 -1.45 6.78
C GLY A 132 25.31 -1.47 5.49
N VAL A 133 25.24 -0.39 4.73
CA VAL A 133 25.86 -0.35 3.42
C VAL A 133 27.37 -0.43 3.54
N ALA A 134 27.89 0.27 4.53
CA ALA A 134 29.34 0.33 4.73
C ALA A 134 29.98 -1.01 5.08
N GLY A 135 29.19 -2.00 5.48
CA GLY A 135 29.73 -3.32 5.75
C GLY A 135 29.99 -4.12 4.48
N PHE A 136 29.48 -3.66 3.35
CA PHE A 136 29.74 -4.32 2.07
C PHE A 136 31.12 -3.93 1.54
N THR A 137 32.15 -4.13 2.37
CA THR A 137 33.46 -3.53 2.13
C THR A 137 34.03 -3.93 0.79
N ASN A 138 33.99 -5.22 0.49
CA ASN A 138 34.54 -5.74 -0.75
C ASN A 138 33.77 -5.27 -1.95
N SER A 139 32.45 -5.39 -1.88
CA SER A 139 31.59 -4.97 -2.97
C SER A 139 31.77 -3.51 -3.29
N LEU A 140 31.92 -2.72 -2.23
CA LEU A 140 32.06 -1.26 -2.37
C LEU A 140 33.36 -0.99 -3.08
N ARG A 141 34.38 -1.72 -2.65
CA ARG A 141 35.68 -1.55 -3.25
C ARG A 141 35.60 -1.91 -4.74
N MET A 142 34.89 -2.97 -5.05
CA MET A 142 34.78 -3.37 -6.44
C MET A 142 34.04 -2.31 -7.27
N LEU A 143 32.99 -1.72 -6.69
CA LEU A 143 32.26 -0.64 -7.36
C LEU A 143 33.18 0.51 -7.63
N GLN A 144 33.96 0.85 -6.62
CA GLN A 144 34.92 1.92 -6.69
C GLN A 144 35.89 1.68 -7.84
N GLN A 145 36.25 0.42 -8.02
CA GLN A 145 37.15 0.01 -9.09
C GLN A 145 36.45 -0.25 -10.42
N LYS A 146 35.14 0.03 -10.47
CA LYS A 146 34.34 -0.19 -11.69
C LYS A 146 34.33 -1.65 -12.10
N ARG A 147 34.50 -2.54 -11.12
CA ARG A 147 34.42 -3.97 -11.36
C ARG A 147 32.99 -4.42 -11.18
N TRP A 148 32.12 -3.97 -12.08
CA TRP A 148 30.68 -4.06 -11.88
C TRP A 148 30.19 -5.50 -11.74
N ASP A 149 30.69 -6.38 -12.59
CA ASP A 149 30.20 -7.73 -12.60
C ASP A 149 30.58 -8.38 -11.30
N GLU A 150 31.81 -8.14 -10.86
CA GLU A 150 32.27 -8.77 -9.64
C GLU A 150 31.52 -8.25 -8.45
N ALA A 151 31.31 -6.93 -8.45
CA ALA A 151 30.53 -6.26 -7.44
C ALA A 151 29.15 -6.87 -7.39
N ALA A 152 28.56 -7.02 -8.58
CA ALA A 152 27.20 -7.55 -8.70
C ALA A 152 27.11 -8.95 -8.09
N VAL A 153 28.07 -9.79 -8.41
CA VAL A 153 28.12 -11.15 -7.91
C VAL A 153 28.26 -11.18 -6.39
N ASN A 154 29.11 -10.31 -5.88
CA ASN A 154 29.45 -10.31 -4.47
C ASN A 154 28.29 -9.80 -3.62
N LEU A 155 27.65 -8.76 -4.12
CA LEU A 155 26.43 -8.23 -3.53
C LEU A 155 25.35 -9.27 -3.39
N ALA A 156 25.26 -10.16 -4.38
CA ALA A 156 24.18 -11.12 -4.38
C ALA A 156 24.39 -12.21 -3.30
N LYS A 157 25.59 -12.29 -2.76
CA LYS A 157 25.88 -13.35 -1.80
C LYS A 157 25.36 -13.02 -0.42
N SER A 158 24.67 -11.90 -0.30
CA SER A 158 24.46 -11.27 1.00
C SER A 158 23.07 -11.52 1.57
N ARG A 159 22.93 -11.17 2.84
CA ARG A 159 21.64 -11.30 3.52
C ARG A 159 20.64 -10.29 2.98
N TRP A 160 21.16 -9.13 2.61
CA TRP A 160 20.38 -8.15 1.86
C TRP A 160 19.60 -8.82 0.72
N TYR A 161 20.32 -9.58 -0.07
CA TYR A 161 19.74 -10.22 -1.25
C TYR A 161 18.66 -11.18 -0.82
N ASN A 162 18.96 -11.97 0.19
CA ASN A 162 17.97 -12.88 0.76
C ASN A 162 16.73 -12.16 1.28
N GLN A 163 16.93 -11.01 1.94
CA GLN A 163 15.86 -10.25 2.61
C GLN A 163 14.87 -9.68 1.61
N THR A 164 15.41 -9.09 0.55
CA THR A 164 14.57 -8.42 -0.43
C THR A 164 15.09 -8.72 -1.82
N PRO A 165 14.95 -9.98 -2.28
CA PRO A 165 15.59 -10.31 -3.55
C PRO A 165 15.08 -9.48 -4.74
N ASN A 166 13.80 -9.16 -4.83
CA ASN A 166 13.33 -8.44 -6.01
C ASN A 166 13.99 -7.09 -6.06
N ARG A 167 13.98 -6.42 -4.91
CA ARG A 167 14.52 -5.08 -4.86
C ARG A 167 16.01 -5.16 -5.05
N THR A 168 16.64 -6.05 -4.30
CA THR A 168 18.08 -6.19 -4.37
C THR A 168 18.56 -6.55 -5.75
N LYS A 169 17.84 -7.43 -6.46
CA LYS A 169 18.26 -7.74 -7.81
C LYS A 169 18.15 -6.50 -8.68
N ARG A 170 17.11 -5.66 -8.47
CA ARG A 170 17.04 -4.45 -9.30
C ARG A 170 18.20 -3.50 -9.00
N VAL A 171 18.51 -3.32 -7.73
CA VAL A 171 19.57 -2.39 -7.35
C VAL A 171 20.90 -2.95 -7.88
N ILE A 172 21.05 -4.26 -7.75
CA ILE A 172 22.29 -4.88 -8.22
C ILE A 172 22.41 -4.72 -9.73
N THR A 173 21.32 -4.90 -10.46
CA THR A 173 21.35 -4.72 -11.92
C THR A 173 21.76 -3.29 -12.23
N THR A 174 21.33 -2.38 -11.38
CA THR A 174 21.65 -0.99 -11.57
C THR A 174 23.16 -0.76 -11.40
N PHE A 175 23.73 -1.34 -10.34
CA PHE A 175 25.17 -1.31 -10.15
C PHE A 175 25.86 -1.99 -11.32
N ARG A 176 25.37 -3.17 -11.70
CA ARG A 176 26.08 -3.93 -12.72
C ARG A 176 26.12 -3.16 -14.06
N THR A 177 24.98 -2.58 -14.47
CA THR A 177 24.81 -2.03 -15.82
C THR A 177 24.92 -0.50 -15.89
N GLY A 178 24.74 0.17 -14.75
CA GLY A 178 24.67 1.62 -14.76
C GLY A 178 23.49 2.15 -15.56
N THR A 179 22.49 1.31 -15.73
CA THR A 179 21.27 1.69 -16.45
C THR A 179 20.08 1.53 -15.54
N TRP A 180 18.93 1.98 -15.99
CA TRP A 180 17.70 1.80 -15.27
C TRP A 180 16.98 0.55 -15.75
N ASP A 181 17.72 -0.33 -16.42
CA ASP A 181 17.09 -1.43 -17.16
C ASP A 181 16.18 -2.27 -16.28
N ALA A 182 16.57 -2.47 -15.04
CA ALA A 182 15.77 -3.31 -14.14
C ALA A 182 14.42 -2.67 -13.89
N TYR A 183 14.41 -1.36 -13.80
CA TYR A 183 13.19 -0.62 -13.53
C TYR A 183 12.35 -0.50 -14.79
N LYS A 184 12.99 -0.21 -15.91
CA LYS A 184 12.28 -0.12 -17.18
C LYS A 184 11.67 -1.48 -17.49
N ASN A 185 12.41 -2.55 -17.21
CA ASN A 185 11.90 -3.89 -17.42
C ASN A 185 10.71 -4.23 -16.53
N LEU A 186 10.82 -3.90 -15.25
CA LEU A 186 9.67 -4.11 -14.38
C LEU A 186 8.43 -3.32 -14.82
N ARG A 187 8.66 -2.11 -15.12
CA ARG A 187 7.53 -1.27 -15.58
C ARG A 187 6.87 -1.82 -16.84
N LYS A 188 7.71 -2.24 -17.79
CA LYS A 188 7.21 -2.73 -19.06
C LYS A 188 6.38 -3.96 -18.84
N LYS A 189 6.85 -4.83 -17.95
CA LYS A 189 6.19 -6.07 -17.67
C LYS A 189 4.83 -5.81 -17.06
N LEU A 190 4.76 -4.88 -16.15
CA LEU A 190 3.47 -4.51 -15.55
C LEU A 190 2.56 -3.84 -16.58
N GLU A 191 3.14 -3.03 -17.44
CA GLU A 191 2.36 -2.37 -18.47
C GLU A 191 1.74 -3.39 -19.43
N GLN A 192 2.53 -4.39 -19.83
CA GLN A 192 2.03 -5.38 -20.77
C GLN A 192 0.99 -6.22 -20.05
N LEU A 193 1.21 -6.43 -18.78
CA LEU A 193 0.22 -7.14 -17.97
C LEU A 193 -1.09 -6.36 -17.92
N TYR A 194 -0.98 -5.10 -17.54
CA TYR A 194 -2.10 -4.19 -17.42
C TYR A 194 -2.90 -4.08 -18.68
N ASN A 195 -2.20 -4.03 -19.82
CA ASN A 195 -2.84 -3.88 -21.10
C ASN A 195 -3.75 -5.05 -21.37
N ARG A 196 -3.49 -6.18 -20.74
CA ARG A 196 -4.43 -7.30 -20.83
C ARG A 196 -5.80 -6.93 -20.26
N TYR A 197 -5.84 -6.05 -19.26
CA TYR A 197 -7.09 -5.77 -18.55
C TYR A 197 -7.68 -4.38 -18.79
N LYS A 198 -6.90 -3.43 -19.30
CA LYS A 198 -7.38 -2.05 -19.39
C LYS A 198 -8.65 -1.97 -20.21
N ASP A 199 -9.46 -0.97 -19.89
CA ASP A 199 -10.68 -0.72 -20.63
C ASP A 199 -10.33 -0.21 -22.02
N PRO A 200 -10.75 -0.92 -23.07
CA PRO A 200 -10.54 -0.47 -24.45
C PRO A 200 -10.91 1.01 -24.70
N GLN A 201 -11.91 1.55 -24.00
CA GLN A 201 -12.37 2.93 -24.21
C GLN A 201 -11.80 3.93 -23.19
N ASP A 202 -11.08 3.45 -22.17
CA ASP A 202 -10.35 4.30 -21.24
C ASP A 202 -9.06 3.62 -20.86
N GLU A 203 -7.98 4.01 -21.54
CA GLU A 203 -6.67 3.40 -21.36
C GLU A 203 -6.21 3.36 -19.91
N ASN A 204 -6.68 4.30 -19.09
CA ASN A 204 -6.17 4.45 -17.73
C ASN A 204 -7.03 3.84 -16.65
N LYS A 205 -7.92 2.96 -17.04
CA LYS A 205 -8.54 2.15 -16.00
C LYS A 205 -8.86 0.81 -16.54
N ILE A 206 -9.07 -0.12 -15.61
CA ILE A 206 -9.62 -1.41 -15.91
C ILE A 206 -11.10 -1.34 -15.55
N GLY A 207 -11.98 -1.66 -16.48
CA GLY A 207 -13.40 -1.62 -16.22
C GLY A 207 -13.95 -3.00 -15.88
N ILE A 208 -15.25 -3.16 -16.00
CA ILE A 208 -15.95 -4.37 -15.60
C ILE A 208 -15.38 -5.60 -16.29
N ASP A 209 -15.21 -5.53 -17.61
CA ASP A 209 -14.68 -6.66 -18.36
C ASP A 209 -13.26 -7.02 -17.91
N GLY A 210 -12.43 -6.02 -17.68
CA GLY A 210 -11.06 -6.29 -17.32
C GLY A 210 -10.96 -6.89 -15.92
N ILE A 211 -11.84 -6.43 -15.04
CA ILE A 211 -11.87 -6.96 -13.68
C ILE A 211 -12.29 -8.43 -13.72
N GLN A 212 -13.23 -8.78 -14.60
CA GLN A 212 -13.59 -10.19 -14.78
C GLN A 212 -12.39 -11.00 -15.21
N GLN A 213 -11.69 -10.50 -16.23
CA GLN A 213 -10.58 -11.22 -16.84
C GLN A 213 -9.47 -11.42 -15.82
N PHE A 214 -9.21 -10.35 -15.08
CA PHE A 214 -8.28 -10.39 -13.95
C PHE A 214 -8.68 -11.46 -12.93
N CYS A 215 -9.97 -11.57 -12.60
CA CYS A 215 -10.38 -12.60 -11.63
C CYS A 215 -10.27 -13.96 -12.26
N ASP A 216 -10.68 -14.05 -13.52
CA ASP A 216 -10.57 -15.29 -14.28
C ASP A 216 -9.14 -15.75 -14.32
N ASP A 217 -8.21 -14.83 -14.56
CA ASP A 217 -6.80 -15.21 -14.59
C ASP A 217 -6.30 -15.64 -13.23
N LEU A 218 -6.89 -15.08 -12.19
CA LEU A 218 -6.54 -15.43 -10.83
C LEU A 218 -7.31 -16.67 -10.36
N ALA A 219 -8.19 -17.18 -11.22
CA ALA A 219 -9.05 -18.30 -10.88
C ALA A 219 -9.94 -17.96 -9.70
N LEU A 220 -10.40 -16.71 -9.66
CA LEU A 220 -11.26 -16.29 -8.58
C LEU A 220 -12.64 -15.87 -9.04
N ASP A 221 -13.62 -16.24 -8.25
CA ASP A 221 -14.96 -15.68 -8.32
C ASP A 221 -14.83 -14.19 -8.05
N PRO A 222 -15.24 -13.35 -9.02
CA PRO A 222 -15.29 -11.90 -8.89
C PRO A 222 -16.00 -11.48 -7.61
N ALA A 223 -16.90 -12.33 -7.12
CA ALA A 223 -17.69 -12.01 -5.94
C ALA A 223 -17.13 -12.66 -4.66
N SER A 224 -15.90 -13.16 -4.73
CA SER A 224 -15.35 -13.81 -3.54
C SER A 224 -14.60 -12.79 -2.67
N ILE A 225 -14.31 -13.18 -1.45
CA ILE A 225 -13.66 -12.27 -0.53
C ILE A 225 -12.22 -12.01 -0.98
N SER A 226 -11.60 -13.01 -1.60
CA SER A 226 -10.25 -12.86 -2.13
C SER A 226 -10.12 -11.63 -3.02
N VAL A 227 -11.11 -11.40 -3.85
CA VAL A 227 -11.02 -10.30 -4.77
C VAL A 227 -11.15 -8.97 -3.99
N LEU A 228 -11.99 -8.97 -2.97
CA LEU A 228 -12.11 -7.79 -2.11
C LEU A 228 -10.79 -7.57 -1.38
N ILE A 229 -10.19 -8.65 -0.92
CA ILE A 229 -8.93 -8.54 -0.20
C ILE A 229 -7.87 -7.97 -1.14
N ILE A 230 -7.83 -8.45 -2.38
CA ILE A 230 -6.92 -7.86 -3.37
C ILE A 230 -7.20 -6.36 -3.58
N ALA A 231 -8.47 -5.98 -3.69
CA ALA A 231 -8.77 -4.56 -3.93
C ALA A 231 -8.29 -3.76 -2.74
N TRP A 232 -8.46 -4.33 -1.56
CA TRP A 232 -7.97 -3.71 -0.34
C TRP A 232 -6.46 -3.50 -0.37
N LYS A 233 -5.72 -4.54 -0.75
CA LYS A 233 -4.27 -4.42 -0.86
C LYS A 233 -3.90 -3.42 -1.92
N PHE A 234 -4.68 -3.35 -3.00
CA PHE A 234 -4.37 -2.40 -4.06
C PHE A 234 -4.90 -1.01 -3.70
N ARG A 235 -5.42 -0.86 -2.48
CA ARG A 235 -6.06 0.39 -2.04
C ARG A 235 -6.97 0.97 -3.08
N ALA A 236 -7.81 0.14 -3.69
CA ALA A 236 -8.67 0.62 -4.75
C ALA A 236 -9.69 1.54 -4.11
N ALA A 237 -10.09 2.58 -4.85
CA ALA A 237 -11.00 3.61 -4.38
C ALA A 237 -12.45 3.14 -4.39
N THR A 238 -12.78 2.35 -5.41
CA THR A 238 -14.18 2.08 -5.70
C THR A 238 -14.32 0.78 -6.49
N GLN A 239 -15.45 0.11 -6.31
CA GLN A 239 -15.66 -1.21 -6.86
C GLN A 239 -15.89 -1.29 -8.37
N CYS A 240 -16.41 -0.24 -8.97
CA CYS A 240 -16.86 -0.36 -10.36
C CYS A 240 -15.67 -0.32 -11.33
N GLU A 241 -14.55 0.23 -10.86
CA GLU A 241 -13.38 0.33 -11.72
C GLU A 241 -12.07 0.03 -10.99
N PHE A 242 -11.01 -0.08 -11.77
CA PHE A 242 -9.70 -0.44 -11.28
C PHE A 242 -8.73 0.43 -12.07
N SER A 243 -8.10 1.41 -11.44
CA SER A 243 -7.35 2.37 -12.23
C SER A 243 -5.98 1.83 -12.53
N LYS A 244 -5.37 2.37 -13.60
CA LYS A 244 -4.00 2.06 -13.94
C LYS A 244 -3.08 2.30 -12.76
N GLN A 245 -3.23 3.44 -12.09
CA GLN A 245 -2.36 3.76 -10.96
C GLN A 245 -2.50 2.73 -9.85
N GLU A 246 -3.73 2.33 -9.56
CA GLU A 246 -4.00 1.35 -8.51
C GLU A 246 -3.37 0.03 -8.86
N PHE A 247 -3.57 -0.40 -10.11
CA PHE A 247 -2.97 -1.63 -10.58
C PHE A 247 -1.46 -1.57 -10.48
N MET A 248 -0.86 -0.47 -10.89
CA MET A 248 0.60 -0.42 -10.94
C MET A 248 1.18 -0.31 -9.54
N ASP A 249 0.60 0.56 -8.73
CA ASP A 249 1.05 0.74 -7.37
C ASP A 249 0.83 -0.54 -6.59
N GLY A 250 -0.32 -1.19 -6.81
CA GLY A 250 -0.65 -2.44 -6.14
C GLY A 250 0.37 -3.51 -6.43
N MET A 251 0.57 -3.81 -7.72
CA MET A 251 1.49 -4.83 -8.15
C MET A 251 2.90 -4.51 -7.68
N THR A 252 3.28 -3.26 -7.76
CA THR A 252 4.60 -2.90 -7.30
C THR A 252 4.72 -3.07 -5.78
N GLU A 253 3.73 -2.56 -5.04
CA GLU A 253 3.75 -2.65 -3.58
C GLU A 253 3.74 -4.10 -3.12
N LEU A 254 2.98 -4.94 -3.80
CA LEU A 254 2.92 -6.34 -3.42
C LEU A 254 4.15 -7.09 -3.90
N GLY A 255 4.98 -6.42 -4.69
CA GLY A 255 6.14 -7.05 -5.29
C GLY A 255 5.84 -8.10 -6.35
N CYS A 256 4.75 -7.93 -7.09
CA CYS A 256 4.39 -8.91 -8.10
C CYS A 256 4.48 -8.32 -9.49
N ASP A 257 5.06 -9.05 -10.43
CA ASP A 257 5.05 -8.60 -11.82
C ASP A 257 4.23 -9.56 -12.68
N SER A 258 3.49 -10.46 -12.05
CA SER A 258 2.72 -11.42 -12.83
C SER A 258 1.54 -11.90 -12.06
N ILE A 259 0.55 -12.45 -12.77
CA ILE A 259 -0.62 -13.01 -12.11
C ILE A 259 -0.19 -14.18 -11.26
N GLU A 260 0.76 -14.95 -11.79
CA GLU A 260 1.39 -16.03 -11.04
C GLU A 260 1.82 -15.54 -9.67
N LYS A 261 2.59 -14.47 -9.65
CA LYS A 261 3.10 -13.93 -8.39
C LYS A 261 1.95 -13.41 -7.53
N LEU A 262 1.01 -12.70 -8.14
CA LEU A 262 -0.09 -12.16 -7.35
C LEU A 262 -0.97 -13.27 -6.77
N LYS A 263 -1.26 -14.31 -7.57
CA LYS A 263 -1.93 -15.49 -7.05
C LYS A 263 -1.28 -15.97 -5.74
N ALA A 264 0.04 -16.08 -5.75
CA ALA A 264 0.78 -16.54 -4.59
C ALA A 264 0.63 -15.63 -3.37
N GLN A 265 0.37 -14.35 -3.59
CA GLN A 265 0.33 -13.39 -2.49
C GLN A 265 -0.95 -13.48 -1.69
N ILE A 266 -2.02 -13.93 -2.35
CA ILE A 266 -3.37 -13.88 -1.76
C ILE A 266 -3.47 -14.56 -0.38
N PRO A 267 -2.92 -15.79 -0.25
CA PRO A 267 -2.91 -16.40 1.08
C PRO A 267 -2.25 -15.52 2.11
N LYS A 268 -1.16 -14.88 1.70
CA LYS A 268 -0.45 -13.95 2.57
C LYS A 268 -1.31 -12.74 2.95
N MET A 269 -2.13 -12.25 2.03
CA MET A 269 -3.04 -11.16 2.40
C MET A 269 -4.09 -11.67 3.41
N GLU A 270 -4.61 -12.87 3.19
CA GLU A 270 -5.55 -13.47 4.13
C GLU A 270 -4.94 -13.55 5.53
N GLN A 271 -3.72 -14.04 5.62
CA GLN A 271 -3.09 -14.19 6.93
C GLN A 271 -2.87 -12.83 7.59
N GLU A 272 -2.73 -11.80 6.78
CA GLU A 272 -2.61 -10.44 7.30
C GLU A 272 -3.90 -10.03 8.00
N LEU A 273 -5.02 -10.46 7.43
CA LEU A 273 -6.33 -10.19 8.02
C LEU A 273 -6.61 -10.91 9.34
N LYS A 274 -5.69 -11.74 9.81
CA LYS A 274 -5.87 -12.42 11.09
C LYS A 274 -5.59 -11.48 12.26
N GLU A 275 -4.71 -10.51 12.01
CA GLU A 275 -4.49 -9.42 12.94
C GLU A 275 -5.77 -8.56 12.97
N PRO A 276 -6.36 -8.36 14.17
CA PRO A 276 -7.63 -7.63 14.28
C PRO A 276 -7.61 -6.19 13.76
N GLY A 277 -6.51 -5.46 14.01
CA GLY A 277 -6.34 -4.12 13.49
C GLY A 277 -6.37 -4.12 11.95
N ARG A 278 -5.69 -5.08 11.37
CA ARG A 278 -5.65 -5.22 9.92
C ARG A 278 -7.02 -5.58 9.37
N PHE A 279 -7.75 -6.45 10.08
CA PHE A 279 -9.08 -6.74 9.63
C PHE A 279 -9.96 -5.51 9.77
N LYS A 280 -9.80 -4.77 10.86
CA LYS A 280 -10.55 -3.54 11.02
C LYS A 280 -10.31 -2.61 9.86
N ASP A 281 -9.07 -2.49 9.45
CA ASP A 281 -8.74 -1.59 8.34
C ASP A 281 -9.48 -2.08 7.08
N PHE A 282 -9.37 -3.39 6.83
CA PHE A 282 -10.02 -4.06 5.71
C PHE A 282 -11.54 -3.90 5.72
N TYR A 283 -12.10 -4.13 6.88
CA TYR A 283 -13.52 -4.03 7.05
C TYR A 283 -14.00 -2.62 6.78
N GLN A 284 -13.29 -1.63 7.29
CA GLN A 284 -13.72 -0.26 7.08
C GLN A 284 -13.43 0.16 5.63
N PHE A 285 -12.32 -0.32 5.08
CA PHE A 285 -12.05 -0.09 3.67
C PHE A 285 -13.25 -0.50 2.82
N THR A 286 -13.83 -1.64 3.18
CA THR A 286 -14.87 -2.25 2.36
C THR A 286 -16.03 -1.29 2.13
N PHE A 287 -16.45 -0.58 3.18
CA PHE A 287 -17.53 0.40 3.04
C PHE A 287 -17.23 1.44 1.95
N ASN A 288 -16.06 2.05 2.05
CA ASN A 288 -15.60 3.09 1.12
C ASN A 288 -15.57 2.58 -0.30
N PHE A 289 -15.03 1.38 -0.43
CA PHE A 289 -14.88 0.72 -1.71
C PHE A 289 -16.21 0.38 -2.36
N ALA A 290 -17.15 -0.08 -1.53
CA ALA A 290 -18.44 -0.58 -2.00
C ALA A 290 -19.43 0.47 -2.51
N LYS A 291 -19.54 1.60 -1.84
CA LYS A 291 -20.59 2.56 -2.19
C LYS A 291 -20.23 3.33 -3.44
N ASN A 292 -21.16 4.16 -3.93
CA ASN A 292 -20.83 5.06 -5.02
C ASN A 292 -20.36 6.38 -4.43
N PRO A 293 -19.39 7.04 -5.08
CA PRO A 293 -19.00 8.37 -4.59
C PRO A 293 -20.06 9.42 -4.91
N GLY A 297 -23.93 7.40 1.86
CA GLY A 297 -24.05 6.09 2.49
C GLY A 297 -24.17 4.89 1.54
N LEU A 298 -24.01 3.67 2.08
CA LEU A 298 -24.03 2.44 1.27
C LEU A 298 -25.42 1.80 1.11
N ASP A 299 -25.83 1.58 -0.13
CA ASP A 299 -27.08 0.89 -0.43
C ASP A 299 -27.19 -0.37 0.39
N LEU A 300 -28.33 -0.55 1.05
CA LEU A 300 -28.52 -1.66 1.96
C LEU A 300 -28.19 -2.99 1.29
N GLU A 301 -28.67 -3.19 0.08
CA GLU A 301 -28.43 -4.43 -0.64
C GLU A 301 -26.93 -4.68 -0.87
N MET A 302 -26.18 -3.63 -1.20
CA MET A 302 -24.75 -3.77 -1.36
C MET A 302 -24.08 -4.04 0.00
N ALA A 303 -24.58 -3.38 1.05
CA ALA A 303 -24.05 -3.57 2.40
C ALA A 303 -24.18 -5.02 2.86
N ILE A 304 -25.40 -5.57 2.76
CA ILE A 304 -25.66 -6.98 3.05
C ILE A 304 -24.72 -7.93 2.30
N ALA A 305 -24.60 -7.70 0.99
CA ALA A 305 -23.68 -8.50 0.19
C ALA A 305 -22.26 -8.46 0.76
N TYR A 306 -21.75 -7.26 1.03
CA TYR A 306 -20.39 -7.18 1.52
C TYR A 306 -20.26 -7.68 2.95
N TRP A 307 -21.30 -7.46 3.76
CA TRP A 307 -21.30 -7.97 5.13
C TRP A 307 -21.24 -9.51 5.10
N ASN A 308 -21.91 -10.10 4.14
CA ASN A 308 -21.94 -11.56 4.06
C ASN A 308 -20.56 -12.11 3.71
N LEU A 309 -19.79 -11.31 3.00
CA LEU A 309 -18.45 -11.62 2.59
C LEU A 309 -17.50 -11.46 3.76
N VAL A 310 -17.47 -10.27 4.34
CA VAL A 310 -16.44 -9.96 5.35
C VAL A 310 -16.76 -10.39 6.77
N LEU A 311 -18.03 -10.55 7.10
CA LEU A 311 -18.35 -10.92 8.48
C LEU A 311 -18.63 -12.41 8.61
N ASN A 312 -18.62 -13.13 7.50
CA ASN A 312 -18.84 -14.54 7.61
C ASN A 312 -17.71 -15.18 8.41
N GLY A 313 -18.06 -15.79 9.54
CA GLY A 313 -17.08 -16.48 10.33
C GLY A 313 -16.52 -15.61 11.41
N ARG A 314 -17.00 -14.36 11.50
CA ARG A 314 -16.54 -13.45 12.56
C ARG A 314 -17.70 -13.00 13.40
N PHE A 315 -18.80 -12.72 12.72
CA PHE A 315 -20.04 -12.25 13.30
C PHE A 315 -20.96 -13.40 13.59
N LYS A 316 -21.13 -13.72 14.87
CA LYS A 316 -21.92 -14.84 15.29
C LYS A 316 -23.37 -14.64 14.94
N PHE A 317 -23.80 -13.43 14.65
CA PHE A 317 -25.21 -13.24 14.33
C PHE A 317 -25.46 -12.85 12.88
N LEU A 318 -24.56 -13.25 12.01
CA LEU A 318 -24.70 -12.85 10.61
C LEU A 318 -26.02 -13.31 9.97
N ASP A 319 -26.44 -14.56 10.17
CA ASP A 319 -27.72 -15.00 9.58
C ASP A 319 -28.91 -14.18 10.09
N LEU A 320 -28.95 -14.01 11.40
CA LEU A 320 -29.99 -13.20 12.00
C LEU A 320 -29.94 -11.77 11.47
N TRP A 321 -28.73 -11.27 11.26
CA TRP A 321 -28.53 -9.90 10.81
C TRP A 321 -29.15 -9.79 9.43
N ASN A 322 -28.90 -10.79 8.59
CA ASN A 322 -29.51 -10.84 7.27
C ASN A 322 -31.01 -10.78 7.36
N LYS A 323 -31.58 -11.68 8.16
CA LYS A 323 -33.03 -11.74 8.30
C LYS A 323 -33.58 -10.40 8.79
N PHE A 324 -32.97 -9.88 9.85
CA PHE A 324 -33.31 -8.55 10.39
C PHE A 324 -33.33 -7.50 9.28
N LEU A 325 -32.27 -7.43 8.48
CA LEU A 325 -32.23 -6.37 7.46
C LEU A 325 -33.18 -6.59 6.30
N LEU A 326 -33.54 -7.84 6.03
CA LEU A 326 -34.47 -8.10 4.94
C LEU A 326 -35.90 -7.69 5.31
N GLU A 327 -36.23 -7.77 6.59
CA GLU A 327 -37.58 -7.43 7.05
C GLU A 327 -37.70 -5.96 7.43
N HIS A 328 -36.57 -5.31 7.61
CA HIS A 328 -36.51 -3.95 8.07
C HIS A 328 -36.58 -3.05 6.85
N HIS A 329 -37.37 -1.99 6.91
CA HIS A 329 -37.60 -1.16 5.75
C HIS A 329 -36.31 -0.60 5.14
N LYS A 330 -36.21 -0.66 3.82
CA LYS A 330 -34.97 -0.36 3.10
C LYS A 330 -34.39 1.01 3.42
N ARG A 331 -33.14 1.02 3.88
CA ARG A 331 -32.47 2.28 4.15
C ARG A 331 -30.97 2.19 3.92
N SER A 332 -30.42 3.24 3.33
CA SER A 332 -28.98 3.44 3.23
C SER A 332 -28.25 3.10 4.53
N ILE A 333 -27.02 2.57 4.43
CA ILE A 333 -26.20 2.34 5.62
C ILE A 333 -25.08 3.36 5.73
N PRO A 334 -25.03 4.11 6.84
CA PRO A 334 -23.98 5.13 6.86
C PRO A 334 -22.66 4.57 7.40
N LYS A 335 -21.58 5.29 7.20
CA LYS A 335 -20.26 4.80 7.58
C LYS A 335 -20.13 4.35 9.04
N ASP A 336 -20.66 5.14 9.97
CA ASP A 336 -20.45 4.81 11.37
C ASP A 336 -21.25 3.58 11.75
N THR A 337 -22.35 3.35 11.04
CA THR A 337 -23.15 2.13 11.28
C THR A 337 -22.39 0.91 10.81
N TRP A 338 -21.87 1.00 9.59
CA TRP A 338 -20.95 0.01 9.06
C TRP A 338 -19.85 -0.25 10.05
N ASN A 339 -19.13 0.80 10.42
CA ASN A 339 -17.97 0.66 11.28
C ASN A 339 -18.29 -0.02 12.62
N LEU A 340 -19.33 0.46 13.29
CA LEU A 340 -19.65 -0.03 14.62
C LEU A 340 -20.13 -1.49 14.65
N LEU A 341 -20.61 -2.00 13.52
CA LEU A 341 -21.11 -3.36 13.51
C LEU A 341 -19.96 -4.32 13.81
N LEU A 342 -18.76 -3.99 13.33
CA LEU A 342 -17.61 -4.79 13.69
C LEU A 342 -17.35 -4.77 15.21
N ASP A 343 -17.49 -3.60 15.82
CA ASP A 343 -17.29 -3.46 17.25
C ASP A 343 -18.27 -4.31 18.03
N PHE A 344 -19.54 -4.18 17.65
CA PHE A 344 -20.59 -5.07 18.09
C PHE A 344 -20.20 -6.53 17.94
N SER A 345 -19.96 -6.94 16.70
CA SER A 345 -19.68 -8.31 16.44
C SER A 345 -18.53 -8.80 17.30
N THR A 346 -17.53 -7.96 17.52
CA THR A 346 -16.37 -8.38 18.29
C THR A 346 -16.72 -8.47 19.77
N MET A 347 -17.51 -7.50 20.26
CA MET A 347 -17.86 -7.39 21.68
C MET A 347 -18.82 -8.45 22.14
N ILE A 348 -19.80 -8.75 21.30
CA ILE A 348 -21.06 -9.27 21.80
C ILE A 348 -21.00 -10.74 22.22
N ALA A 349 -21.54 -11.03 23.40
CA ALA A 349 -21.65 -12.40 23.87
C ALA A 349 -22.60 -13.19 23.00
N ASP A 350 -22.49 -14.52 23.05
CA ASP A 350 -23.33 -15.42 22.27
C ASP A 350 -24.81 -15.20 22.50
N ASP A 351 -25.18 -14.79 23.69
CA ASP A 351 -26.58 -14.57 23.98
C ASP A 351 -26.88 -13.10 24.06
N MET A 352 -25.90 -12.27 23.71
CA MET A 352 -26.03 -10.80 23.73
C MET A 352 -26.33 -10.21 25.11
N SER A 353 -26.19 -11.05 26.14
CA SER A 353 -26.52 -10.64 27.51
C SER A 353 -25.68 -9.45 27.99
N ASN A 354 -24.51 -9.28 27.37
CA ASN A 354 -23.56 -8.24 27.73
C ASN A 354 -23.69 -7.00 26.86
N TYR A 355 -24.83 -6.85 26.20
CA TYR A 355 -25.08 -5.69 25.36
C TYR A 355 -25.43 -4.49 26.22
N ASP A 356 -24.81 -3.35 25.91
CA ASP A 356 -25.08 -2.12 26.65
C ASP A 356 -25.95 -1.19 25.83
N GLU A 357 -27.24 -1.15 26.17
CA GLU A 357 -28.22 -0.35 25.45
C GLU A 357 -27.92 1.14 25.56
N GLU A 358 -27.00 1.47 26.46
CA GLU A 358 -26.54 2.82 26.63
C GLU A 358 -25.08 2.96 26.20
N GLY A 359 -24.69 2.21 25.16
CA GLY A 359 -23.35 2.27 24.61
C GLY A 359 -23.24 3.11 23.34
N ALA A 360 -24.33 3.81 23.03
CA ALA A 360 -24.43 4.67 21.85
C ALA A 360 -24.24 3.92 20.52
N TRP A 361 -24.58 2.62 20.51
CA TRP A 361 -24.67 1.87 19.25
C TRP A 361 -25.70 2.53 18.33
N PRO A 362 -25.54 2.41 17.01
CA PRO A 362 -26.58 2.91 16.11
C PRO A 362 -27.96 2.36 16.51
N VAL A 363 -29.02 3.07 16.14
CA VAL A 363 -30.36 2.63 16.40
C VAL A 363 -30.63 1.29 15.69
N LEU A 364 -30.01 1.09 14.53
CA LEU A 364 -30.17 -0.16 13.79
C LEU A 364 -29.66 -1.35 14.61
N ILE A 365 -28.55 -1.16 15.33
CA ILE A 365 -28.00 -2.26 16.11
C ILE A 365 -28.83 -2.43 17.38
N ASP A 366 -29.28 -1.34 18.01
CA ASP A 366 -30.23 -1.48 19.13
C ASP A 366 -31.43 -2.31 18.68
N ASP A 367 -32.01 -1.94 17.54
CA ASP A 367 -33.13 -2.65 16.96
C ASP A 367 -32.78 -4.12 16.78
N PHE A 368 -31.61 -4.36 16.22
CA PHE A 368 -31.18 -5.72 15.92
C PHE A 368 -31.17 -6.57 17.18
N VAL A 369 -30.63 -6.02 18.27
CA VAL A 369 -30.53 -6.78 19.51
C VAL A 369 -31.90 -7.19 20.02
N GLU A 370 -32.87 -6.28 19.95
CA GLU A 370 -34.25 -6.62 20.32
C GLU A 370 -34.84 -7.68 19.38
N PHE A 371 -34.67 -7.48 18.08
CA PHE A 371 -35.16 -8.44 17.09
C PHE A 371 -34.56 -9.82 17.31
N ALA A 372 -33.33 -9.86 17.80
CA ALA A 372 -32.65 -11.14 17.95
C ALA A 372 -33.01 -11.88 19.23
N ARG A 373 -33.75 -11.23 20.15
CA ARG A 373 -34.10 -11.88 21.42
C ARG A 373 -34.87 -13.21 21.26
N PRO A 374 -35.90 -13.25 20.39
CA PRO A 374 -36.49 -14.59 20.19
C PRO A 374 -35.50 -15.73 19.82
N GLN A 375 -34.54 -15.49 18.93
CA GLN A 375 -33.62 -16.58 18.58
C GLN A 375 -32.67 -16.92 19.73
N ILE A 376 -32.22 -15.89 20.44
CA ILE A 376 -31.38 -16.07 21.61
C ILE A 376 -31.99 -17.01 22.66
N ALA A 377 -33.25 -16.76 23.04
CA ALA A 377 -33.90 -17.55 24.09
C ALA A 377 -34.05 -19.04 23.75
C4 8Z7 B . -16.94 -7.57 -7.72
C14 8Z7 B . -20.31 -8.46 -6.80
C5 8Z7 B . -17.17 -6.18 -7.59
C6 8Z7 B . -14.65 -5.28 -7.83
C11 8Z7 B . -10.19 -4.83 -7.83
C7 8Z7 B . -12.42 -4.08 -8.24
C8 8Z7 B . -11.98 -2.75 -8.22
C9 8Z7 B . -10.64 -2.47 -8.01
C10 8Z7 B . -9.75 -3.49 -7.81
C12 8Z7 B . -11.51 -5.12 -8.04
C13 8Z7 B . -9.19 -5.99 -7.60
N1 8Z7 B . -19.38 -7.82 -7.30
N2 8Z7 B . -16.07 -5.22 -8.13
C3 8Z7 B . -18.05 -8.33 -7.01
N3 8Z7 B . -13.85 -4.28 -8.41
F3 8Z7 B . -9.26 -6.83 -8.66
F1 8Z7 B . -9.51 -6.68 -6.47
F2 8Z7 B . -7.96 -5.52 -7.48
O 8Z7 B . -14.15 -6.16 -7.14
C1 8Z7 B . -18.46 -5.75 -8.07
C2 8Z7 B . -19.54 -6.42 -7.22
C15 8Z7 B . -20.33 -8.53 -5.24
C20 8Z7 B . -20.93 -7.52 -4.48
C19 8Z7 B . -20.93 -7.63 -3.10
C18 8Z7 B . -20.35 -8.75 -2.46
C17 8Z7 B . -19.76 -9.79 -3.21
C16 8Z7 B . -19.76 -9.66 -4.59
#